data_8SRX
#
_entry.id   8SRX
#
_cell.length_a   158.166
_cell.length_b   45.562
_cell.length_c   43.714
_cell.angle_alpha   90.00
_cell.angle_beta   101.76
_cell.angle_gamma   90.00
#
_symmetry.space_group_name_H-M   'C 1 2 1'
#
loop_
_entity.id
_entity.type
_entity.pdbx_description
1 polymer 'Bcl-2 homologous antagonist/killer'
2 polymer 'Apoptosis regulator BAX'
3 non-polymer '[(2~{R})-2-oxidanyl-3-[oxidanyl-[2-(trimethyl-$l^{4}-azanyl)ethoxy]phosphoryl]oxy-propyl] hexadecanoate'
4 non-polymer 'ZINC ION'
5 non-polymer 'SODIUM ION'
6 non-polymer DI(HYDROXYETHYL)ETHER
7 non-polymer 1,2-ETHANEDIOL
8 non-polymer 'CHLORIDE ION'
9 water water
#
loop_
_entity_poly.entity_id
_entity_poly.type
_entity_poly.pdbx_seq_one_letter_code
_entity_poly.pdbx_strand_id
1 'polypeptide(L)'
;GPLGSSTMGQVGRQLAIIGDDINRRYDSEFQTMLQHLQPTAENAYEYFTKIATSLFESGINWGRVVALLGFGYRLALHVY
QHGGSGGSGGS
;
A,C
2 'polypeptide(L)' GGSGDASTKKLSESLKRIGDELDSNMELQRMIAAVDTDSPREVFFRVAADMFSDGNFNWGRVVALFYFASKLVLKALSTK B,D
#
loop_
_chem_comp.id
_chem_comp.type
_chem_comp.name
_chem_comp.formula
CL non-polymer 'CHLORIDE ION' 'Cl -1'
EDO non-polymer 1,2-ETHANEDIOL 'C2 H6 O2'
K6G non-polymer '[(2~{R})-2-oxidanyl-3-[oxidanyl-[2-(trimethyl-$l^{4}-azanyl)ethoxy]phosphoryl]oxy-propyl] hexadecanoate' 'C24 H51 N O7 P'
NA non-polymer 'SODIUM ION' 'Na 1'
PEG non-polymer DI(HYDROXYETHYL)ETHER 'C4 H10 O3'
ZN non-polymer 'ZINC ION' 'Zn 2'
#
# COMPACT_ATOMS: atom_id res chain seq x y z
N THR A 7 -5.69 21.67 20.98
CA THR A 7 -4.67 20.75 21.49
C THR A 7 -3.87 20.16 20.34
N MET A 8 -2.86 19.38 20.71
CA MET A 8 -1.94 18.82 19.69
C MET A 8 -2.63 17.70 18.93
N GLY A 9 -2.26 17.55 17.67
CA GLY A 9 -2.84 16.48 16.87
C GLY A 9 -4.20 16.82 16.27
N GLN A 10 -4.42 18.07 15.87
CA GLN A 10 -5.70 18.45 15.28
C GLN A 10 -5.94 17.76 13.94
N VAL A 11 -4.88 17.61 13.13
CA VAL A 11 -5.03 16.96 11.83
C VAL A 11 -5.41 15.50 12.01
N GLY A 12 -4.67 14.78 12.86
CA GLY A 12 -5.01 13.39 13.13
C GLY A 12 -6.43 13.21 13.61
N ARG A 13 -6.91 14.13 14.44
CA ARG A 13 -8.29 14.04 14.98
C ARG A 13 -9.28 14.29 13.84
N GLN A 14 -9.01 15.31 13.03
CA GLN A 14 -9.86 15.54 11.87
C GLN A 14 -9.93 14.31 10.99
N LEU A 15 -8.77 13.68 10.73
CA LEU A 15 -8.76 12.47 9.93
C LEU A 15 -9.49 11.34 10.67
N ALA A 16 -9.34 11.27 11.99
CA ALA A 16 -10.09 10.27 12.74
C ALA A 16 -11.59 10.51 12.64
N ILE A 17 -12.02 11.78 12.68
CA ILE A 17 -13.44 12.09 12.52
C ILE A 17 -13.93 11.67 11.14
N ILE A 18 -13.19 12.04 10.10
CA ILE A 18 -13.58 11.65 8.75
C ILE A 18 -13.68 10.14 8.62
N GLY A 19 -12.74 9.41 9.23
CA GLY A 19 -12.80 7.97 9.20
C GLY A 19 -14.04 7.43 9.89
N ASP A 20 -14.36 7.99 11.06
CA ASP A 20 -15.56 7.57 11.76
C ASP A 20 -16.81 7.83 10.90
N ASP A 21 -16.84 8.95 10.20
CA ASP A 21 -17.99 9.24 9.33
C ASP A 21 -18.09 8.24 8.19
N ILE A 22 -16.97 7.95 7.53
CA ILE A 22 -16.96 6.93 6.49
C ILE A 22 -17.42 5.60 7.05
N ASN A 23 -16.90 5.23 8.21
CA ASN A 23 -17.31 3.98 8.88
C ASN A 23 -18.81 3.98 9.15
N ARG A 24 -19.34 5.14 9.55
CA ARG A 24 -20.76 5.25 9.87
C ARG A 24 -21.61 5.15 8.61
N ARG A 25 -21.30 5.97 7.59
CA ARG A 25 -22.12 6.02 6.39
C ARG A 25 -22.10 4.69 5.63
N TYR A 26 -20.96 4.01 5.60
CA TYR A 26 -20.78 2.76 4.86
C TYR A 26 -20.65 1.57 5.80
N ASP A 27 -21.47 1.55 6.85
CA ASP A 27 -21.40 0.47 7.83
C ASP A 27 -21.56 -0.89 7.16
N SER A 28 -22.59 -1.04 6.32
CA SER A 28 -22.83 -2.30 5.64
C SER A 28 -21.66 -2.68 4.74
N GLU A 29 -21.05 -1.70 4.07
CA GLU A 29 -19.95 -2.01 3.19
C GLU A 29 -18.77 -2.58 3.97
N PHE A 30 -18.43 -1.94 5.10
CA PHE A 30 -17.36 -2.50 5.93
C PHE A 30 -17.75 -3.84 6.53
N GLN A 31 -19.01 -3.99 6.97
CA GLN A 31 -19.45 -5.28 7.50
C GLN A 31 -19.30 -6.39 6.47
N THR A 32 -19.56 -6.07 5.19
CA THR A 32 -19.37 -7.07 4.16
C THR A 32 -17.92 -7.54 4.08
N MET A 33 -16.96 -6.64 4.37
CA MET A 33 -15.56 -7.04 4.40
C MET A 33 -15.33 -8.13 5.44
N LEU A 34 -16.04 -8.06 6.57
CA LEU A 34 -16.02 -9.13 7.56
C LEU A 34 -17.12 -10.12 7.19
N GLN A 35 -16.79 -11.02 6.27
CA GLN A 35 -17.72 -12.04 5.79
C GLN A 35 -17.04 -12.90 4.74
N HIS A 36 -15.87 -12.47 4.28
CA HIS A 36 -15.08 -13.18 3.29
C HIS A 36 -13.68 -13.48 3.80
N LEU A 37 -13.52 -13.51 5.13
CA LEU A 37 -12.25 -13.91 5.73
C LEU A 37 -11.80 -15.26 5.18
N GLN A 38 -10.48 -15.42 5.00
CA GLN A 38 -9.91 -16.66 4.50
C GLN A 38 -9.05 -17.34 5.57
N PRO A 39 -8.99 -18.67 5.58
CA PRO A 39 -8.28 -19.37 6.66
C PRO A 39 -6.77 -19.47 6.49
N THR A 40 -6.24 -19.34 5.28
CA THR A 40 -4.80 -19.45 5.09
C THR A 40 -4.33 -18.36 4.14
N ALA A 41 -3.01 -18.15 4.13
CA ALA A 41 -2.44 -17.18 3.21
C ALA A 41 -2.77 -17.53 1.76
N GLU A 42 -2.67 -18.80 1.40
CA GLU A 42 -2.93 -19.20 0.02
C GLU A 42 -4.38 -18.94 -0.36
N ASN A 43 -5.32 -19.27 0.54
CA ASN A 43 -6.72 -18.94 0.30
C ASN A 43 -6.95 -17.43 0.27
N ALA A 44 -6.19 -16.68 1.06
CA ALA A 44 -6.33 -15.23 1.05
C ALA A 44 -5.77 -14.64 -0.24
N TYR A 45 -4.63 -15.16 -0.71
CA TYR A 45 -4.07 -14.67 -1.97
C TYR A 45 -5.00 -15.01 -3.13
N GLU A 46 -5.58 -16.20 -3.12
CA GLU A 46 -6.55 -16.56 -4.14
C GLU A 46 -7.72 -15.59 -4.12
N TYR A 47 -8.37 -15.46 -2.96
CA TYR A 47 -9.55 -14.62 -2.87
C TYR A 47 -9.22 -13.15 -3.12
N PHE A 48 -8.11 -12.66 -2.58
CA PHE A 48 -7.73 -11.28 -2.85
C PHE A 48 -7.60 -11.02 -4.35
N THR A 49 -7.05 -12.00 -5.07
CA THR A 49 -6.91 -11.91 -6.53
C THR A 49 -8.27 -11.88 -7.23
N LYS A 50 -9.23 -12.64 -6.73
CA LYS A 50 -10.54 -12.66 -7.39
C LYS A 50 -11.26 -11.32 -7.21
N ILE A 51 -11.21 -10.74 -6.02
CA ILE A 51 -11.88 -9.47 -5.81
C ILE A 51 -11.15 -8.36 -6.56
N ALA A 52 -9.82 -8.36 -6.52
CA ALA A 52 -9.05 -7.35 -7.25
C ALA A 52 -9.34 -7.42 -8.74
N THR A 53 -9.39 -8.63 -9.30
CA THR A 53 -9.68 -8.78 -10.72
C THR A 53 -11.07 -8.26 -11.06
N SER A 54 -12.06 -8.58 -10.23
CA SER A 54 -13.40 -8.07 -10.48
C SER A 54 -13.42 -6.54 -10.42
N LEU A 55 -12.79 -5.99 -9.38
CA LEU A 55 -12.76 -4.54 -9.20
C LEU A 55 -12.09 -3.83 -10.38
N PHE A 56 -10.93 -4.33 -10.82
CA PHE A 56 -10.26 -3.70 -11.95
C PHE A 56 -11.09 -3.81 -13.23
N GLU A 57 -11.87 -4.89 -13.38
CA GLU A 57 -12.74 -5.01 -14.55
C GLU A 57 -13.88 -4.00 -14.53
N SER A 58 -14.26 -3.52 -13.35
CA SER A 58 -15.28 -2.48 -13.23
C SER A 58 -14.69 -1.08 -13.35
N GLY A 59 -13.39 -0.97 -13.58
CA GLY A 59 -12.75 0.34 -13.57
C GLY A 59 -12.34 0.74 -12.16
N ILE A 60 -11.23 1.45 -12.08
CA ILE A 60 -10.65 1.80 -10.79
C ILE A 60 -10.23 3.26 -10.79
N ASN A 61 -10.17 3.82 -9.58
CA ASN A 61 -9.58 5.11 -9.31
C ASN A 61 -8.64 4.96 -8.11
N TRP A 62 -8.01 6.06 -7.71
CA TRP A 62 -7.11 5.97 -6.57
C TRP A 62 -7.84 5.44 -5.34
N GLY A 63 -9.05 5.95 -5.07
CA GLY A 63 -9.79 5.50 -3.90
C GLY A 63 -10.12 4.03 -3.93
N ARG A 64 -10.46 3.50 -5.11
CA ARG A 64 -10.80 2.09 -5.19
C ARG A 64 -9.59 1.21 -4.91
N VAL A 65 -8.40 1.61 -5.39
CA VAL A 65 -7.20 0.83 -5.07
C VAL A 65 -6.93 0.87 -3.58
N VAL A 66 -7.11 2.04 -2.96
CA VAL A 66 -6.93 2.16 -1.51
C VAL A 66 -7.89 1.26 -0.76
N ALA A 67 -9.17 1.24 -1.17
CA ALA A 67 -10.14 0.37 -0.51
C ALA A 67 -9.80 -1.10 -0.70
N LEU A 68 -9.32 -1.47 -1.89
CA LEU A 68 -8.92 -2.85 -2.12
C LEU A 68 -7.80 -3.25 -1.15
N LEU A 69 -6.81 -2.38 -0.98
CA LEU A 69 -5.72 -2.69 -0.07
C LEU A 69 -6.20 -2.69 1.38
N GLY A 70 -7.22 -1.89 1.68
CA GLY A 70 -7.83 -1.95 3.00
C GLY A 70 -8.35 -3.33 3.32
N PHE A 71 -9.13 -3.91 2.40
CA PHE A 71 -9.60 -5.28 2.59
C PHE A 71 -8.43 -6.24 2.64
N GLY A 72 -7.41 -6.01 1.80
CA GLY A 72 -6.24 -6.89 1.81
C GLY A 72 -5.60 -7.00 3.17
N TYR A 73 -5.43 -5.85 3.85
CA TYR A 73 -4.89 -5.90 5.20
C TYR A 73 -5.85 -6.56 6.17
N ARG A 74 -7.15 -6.49 5.89
N ARG A 74 -7.15 -6.48 5.90
CA ARG A 74 -8.14 -7.19 6.75
CA ARG A 74 -8.15 -7.18 6.75
C ARG A 74 -7.89 -8.69 6.59
C ARG A 74 -7.89 -8.69 6.59
N LEU A 75 -7.73 -9.15 5.35
CA LEU A 75 -7.42 -10.55 5.12
C LEU A 75 -6.08 -10.91 5.76
N ALA A 76 -5.04 -10.15 5.45
CA ALA A 76 -3.72 -10.44 6.00
C ALA A 76 -3.76 -10.46 7.52
N LEU A 77 -4.43 -9.50 8.14
CA LEU A 77 -4.47 -9.45 9.63
C LEU A 77 -5.09 -10.74 10.18
N HIS A 78 -6.16 -11.22 9.57
CA HIS A 78 -6.82 -12.47 10.02
C HIS A 78 -5.83 -13.62 9.93
N VAL A 79 -5.16 -13.76 8.79
CA VAL A 79 -4.19 -14.84 8.63
C VAL A 79 -3.01 -14.65 9.59
N TYR A 80 -2.54 -13.42 9.71
CA TYR A 80 -1.35 -13.14 10.53
C TYR A 80 -1.60 -13.41 12.00
N GLN A 81 -2.81 -13.21 12.46
CA GLN A 81 -3.13 -13.47 13.89
C GLN A 81 -3.76 -14.86 14.03
N HIS A 82 -4.61 -15.28 13.09
CA HIS A 82 -5.39 -16.54 13.23
C HIS A 82 -5.26 -17.47 12.02
N GLY A 83 -4.08 -17.58 11.40
CA GLY A 83 -3.84 -18.43 10.25
C GLY A 83 -4.15 -19.89 10.51
N GLY A 84 -4.79 -20.54 9.54
CA GLY A 84 -5.04 -21.97 9.59
C GLY A 84 -3.95 -22.76 8.89
N SER A 85 -4.29 -24.01 8.56
CA SER A 85 -3.35 -24.89 7.87
C SER A 85 -4.14 -25.85 6.97
N GLY A 86 -4.82 -25.29 5.95
CA GLY A 86 -5.52 -26.08 4.96
C GLY A 86 -6.45 -27.13 5.54
N GLY A 87 -6.75 -28.15 4.74
CA GLY A 87 -7.63 -29.22 5.16
C GLY A 87 -9.01 -29.16 4.55
N SER A 88 -9.64 -28.00 4.58
CA SER A 88 -11.00 -27.82 4.07
C SER A 88 -10.95 -27.63 2.56
N GLY A 89 -11.19 -28.71 1.82
CA GLY A 89 -11.20 -28.65 0.36
C GLY A 89 -11.89 -29.83 -0.28
N ASP B 5 -13.56 -18.82 -0.36
CA ASP B 5 -12.66 -18.51 -1.51
C ASP B 5 -13.43 -18.50 -2.84
N ALA B 6 -14.51 -17.70 -2.94
CA ALA B 6 -15.20 -17.55 -4.25
C ALA B 6 -16.10 -16.29 -4.32
N SER B 7 -17.32 -16.29 -3.75
CA SER B 7 -18.30 -15.16 -3.94
C SER B 7 -17.72 -13.76 -3.71
N THR B 8 -17.87 -12.86 -4.68
CA THR B 8 -17.22 -11.53 -4.62
C THR B 8 -18.14 -10.38 -5.02
N LYS B 9 -19.36 -10.66 -5.48
CA LYS B 9 -20.16 -9.56 -6.01
C LYS B 9 -20.37 -8.49 -4.94
N LYS B 10 -20.84 -8.89 -3.76
CA LYS B 10 -21.20 -7.91 -2.73
C LYS B 10 -19.96 -7.15 -2.23
N LEU B 11 -18.85 -7.84 -2.05
CA LEU B 11 -17.64 -7.18 -1.57
C LEU B 11 -17.15 -6.14 -2.57
N SER B 12 -17.16 -6.49 -3.85
CA SER B 12 -16.72 -5.58 -4.91
C SER B 12 -17.51 -4.29 -4.89
N GLU B 13 -18.84 -4.39 -4.74
CA GLU B 13 -19.71 -3.20 -4.66
C GLU B 13 -19.33 -2.40 -3.40
N SER B 14 -19.10 -3.09 -2.29
CA SER B 14 -18.73 -2.41 -1.05
C SER B 14 -17.44 -1.62 -1.22
N LEU B 15 -16.45 -2.22 -1.88
CA LEU B 15 -15.20 -1.51 -2.12
C LEU B 15 -15.37 -0.38 -3.12
N LYS B 16 -16.26 -0.52 -4.10
CA LYS B 16 -16.52 0.60 -5.01
C LYS B 16 -17.08 1.80 -4.24
N ARG B 17 -18.06 1.58 -3.37
CA ARG B 17 -18.70 2.73 -2.66
C ARG B 17 -17.72 3.36 -1.66
N ILE B 18 -17.00 2.53 -0.88
CA ILE B 18 -15.98 3.10 0.00
C ILE B 18 -14.92 3.81 -0.82
N GLY B 19 -14.39 3.14 -1.84
CA GLY B 19 -13.33 3.74 -2.65
C GLY B 19 -13.74 5.03 -3.31
N ASP B 20 -14.96 5.08 -3.84
CA ASP B 20 -15.42 6.30 -4.49
C ASP B 20 -15.62 7.46 -3.50
N GLU B 21 -16.03 7.17 -2.28
CA GLU B 21 -16.11 8.23 -1.26
C GLU B 21 -14.74 8.83 -1.00
N LEU B 22 -13.74 7.97 -0.81
CA LEU B 22 -12.37 8.43 -0.57
C LEU B 22 -11.84 9.23 -1.75
N ASP B 23 -12.19 8.83 -2.98
CA ASP B 23 -11.62 9.43 -4.17
C ASP B 23 -12.21 10.81 -4.47
N SER B 24 -13.41 11.07 -3.98
CA SER B 24 -14.13 12.31 -4.25
C SER B 24 -14.30 13.18 -3.00
N ASN B 25 -13.85 12.70 -1.83
CA ASN B 25 -14.04 13.43 -0.58
C ASN B 25 -13.24 14.73 -0.61
N MET B 26 -13.94 15.86 -0.69
CA MET B 26 -13.27 17.16 -0.82
C MET B 26 -12.47 17.51 0.43
N GLU B 27 -12.99 17.18 1.60
CA GLU B 27 -12.29 17.47 2.85
C GLU B 27 -10.96 16.73 2.93
N LEU B 28 -10.98 15.44 2.62
CA LEU B 28 -9.74 14.67 2.61
C LEU B 28 -8.77 15.25 1.59
N GLN B 29 -9.28 15.63 0.42
CA GLN B 29 -8.42 16.24 -0.59
C GLN B 29 -7.83 17.55 -0.08
N ARG B 30 -8.64 18.36 0.61
CA ARG B 30 -8.15 19.63 1.14
C ARG B 30 -7.07 19.41 2.19
N MET B 31 -7.24 18.42 3.06
CA MET B 31 -6.22 18.14 4.08
C MET B 31 -4.90 17.72 3.44
N ILE B 32 -4.96 16.87 2.43
CA ILE B 32 -3.73 16.43 1.77
C ILE B 32 -3.01 17.63 1.17
N ALA B 33 -3.76 18.57 0.60
CA ALA B 33 -3.16 19.75 -0.01
C ALA B 33 -2.69 20.77 1.01
N ALA B 34 -3.18 20.70 2.25
CA ALA B 34 -2.78 21.65 3.27
C ALA B 34 -1.45 21.32 3.93
N VAL B 35 -0.92 20.12 3.72
CA VAL B 35 0.36 19.75 4.32
C VAL B 35 1.42 19.71 3.23
N ASP B 36 1.38 20.66 2.31
CA ASP B 36 2.42 20.79 1.30
C ASP B 36 3.56 21.68 1.78
N THR B 37 3.73 21.83 3.09
CA THR B 37 4.91 22.49 3.65
C THR B 37 5.98 21.48 4.02
N ASP B 38 6.15 20.44 3.20
CA ASP B 38 7.27 19.51 3.31
C ASP B 38 7.06 18.53 4.44
N SER B 39 8.13 17.82 4.79
CA SER B 39 8.15 16.62 5.61
C SER B 39 6.81 15.90 5.65
N PRO B 40 6.42 15.21 4.57
CA PRO B 40 5.30 14.27 4.68
C PRO B 40 5.60 13.13 5.64
N ARG B 41 6.89 12.84 5.86
CA ARG B 41 7.26 11.79 6.80
C ARG B 41 6.82 12.13 8.21
N GLU B 42 7.04 13.39 8.62
CA GLU B 42 6.69 13.76 9.99
C GLU B 42 5.18 13.92 10.18
N VAL B 43 4.47 14.37 9.15
CA VAL B 43 3.03 14.51 9.27
C VAL B 43 2.38 13.15 9.45
N PHE B 44 2.77 12.20 8.60
CA PHE B 44 2.30 10.82 8.78
C PHE B 44 2.65 10.32 10.18
N PHE B 45 3.90 10.52 10.60
CA PHE B 45 4.29 10.12 11.94
C PHE B 45 3.32 10.66 12.98
N ARG B 46 2.88 11.92 12.82
CA ARG B 46 1.99 12.53 13.80
C ARG B 46 0.54 12.04 13.65
N VAL B 47 -0.02 12.11 12.44
CA VAL B 47 -1.44 11.79 12.27
C VAL B 47 -1.71 10.32 12.59
N ALA B 48 -0.76 9.44 12.27
CA ALA B 48 -0.95 8.01 12.50
C ALA B 48 -1.20 7.70 13.98
N ALA B 49 -0.51 8.39 14.89
CA ALA B 49 -0.76 8.18 16.31
C ALA B 49 -1.95 8.99 16.81
N ASP B 50 -2.08 10.24 16.33
CA ASP B 50 -3.15 11.11 16.81
C ASP B 50 -4.54 10.61 16.40
N MET B 51 -4.65 9.90 15.28
CA MET B 51 -5.98 9.47 14.88
C MET B 51 -6.50 8.30 15.72
N PHE B 52 -5.61 7.57 16.41
CA PHE B 52 -6.01 6.49 17.29
C PHE B 52 -5.70 6.80 18.76
N SER B 53 -5.50 8.08 19.06
CA SER B 53 -5.14 8.53 20.44
C SER B 53 -6.31 8.39 21.42
N ASP B 54 -7.51 8.19 20.91
CA ASP B 54 -8.68 8.04 21.78
C ASP B 54 -9.00 6.59 22.09
N GLY B 55 -8.17 5.64 21.65
CA GLY B 55 -8.39 4.24 21.96
C GLY B 55 -9.44 3.56 21.12
N ASN B 56 -9.91 4.20 20.06
CA ASN B 56 -10.89 3.60 19.18
C ASN B 56 -10.21 3.09 17.91
N PHE B 57 -10.87 2.13 17.28
CA PHE B 57 -10.38 1.57 16.03
C PHE B 57 -11.55 1.15 15.18
N ASN B 58 -11.47 1.47 13.89
CA ASN B 58 -12.37 0.90 12.89
C ASN B 58 -11.70 1.05 11.55
N TRP B 59 -12.19 0.28 10.57
CA TRP B 59 -11.55 0.23 9.26
C TRP B 59 -11.89 1.44 8.40
N GLY B 60 -12.82 2.29 8.83
CA GLY B 60 -12.96 3.59 8.22
C GLY B 60 -11.78 4.49 8.52
N ARG B 61 -11.29 4.44 9.76
CA ARG B 61 -10.07 5.17 10.08
C ARG B 61 -8.87 4.58 9.34
N VAL B 62 -8.85 3.26 9.15
CA VAL B 62 -7.69 2.67 8.47
C VAL B 62 -7.60 3.18 7.04
N VAL B 63 -8.70 3.03 6.28
CA VAL B 63 -8.67 3.40 4.86
C VAL B 63 -8.51 4.91 4.69
N ALA B 64 -9.08 5.69 5.61
CA ALA B 64 -8.80 7.12 5.59
C ALA B 64 -7.30 7.38 5.76
N LEU B 65 -6.66 6.64 6.67
CA LEU B 65 -5.22 6.80 6.87
C LEU B 65 -4.44 6.27 5.66
N PHE B 66 -4.85 5.13 5.10
CA PHE B 66 -4.23 4.63 3.87
C PHE B 66 -4.29 5.69 2.76
N TYR B 67 -5.47 6.27 2.52
CA TYR B 67 -5.61 7.25 1.44
C TYR B 67 -4.72 8.47 1.69
N PHE B 68 -4.90 9.11 2.84
CA PHE B 68 -4.08 10.27 3.17
C PHE B 68 -2.59 9.93 3.06
N ALA B 69 -2.18 8.78 3.61
CA ALA B 69 -0.77 8.40 3.60
C ALA B 69 -0.26 8.09 2.19
N SER B 70 -1.07 7.43 1.36
CA SER B 70 -0.65 7.11 0.01
C SER B 70 -0.39 8.37 -0.82
N LYS B 71 -1.09 9.46 -0.50
CA LYS B 71 -0.84 10.73 -1.19
C LYS B 71 0.43 11.42 -0.67
N LEU B 72 0.76 11.24 0.60
CA LEU B 72 2.00 11.80 1.11
C LEU B 72 3.21 11.11 0.51
N VAL B 73 3.10 9.81 0.22
CA VAL B 73 4.18 9.11 -0.48
C VAL B 73 4.42 9.74 -1.85
N LEU B 74 3.34 10.06 -2.56
CA LEU B 74 3.49 10.71 -3.86
C LEU B 74 4.25 12.03 -3.70
N LYS B 75 3.80 12.87 -2.78
CA LYS B 75 4.49 14.14 -2.55
C LYS B 75 5.94 13.90 -2.11
N ALA B 76 6.15 12.96 -1.19
CA ALA B 76 7.53 12.65 -0.77
C ALA B 76 8.40 12.28 -1.97
N LEU B 77 7.87 11.45 -2.88
CA LEU B 77 8.61 11.07 -4.07
C LEU B 77 8.83 12.22 -5.02
N SER B 78 7.97 13.25 -4.98
CA SER B 78 8.12 14.37 -5.91
C SER B 78 9.30 15.25 -5.55
N THR B 79 9.99 14.98 -4.43
CA THR B 79 11.21 15.69 -4.09
C THR B 79 12.45 14.99 -4.63
N LYS B 80 12.28 13.81 -5.24
CA LYS B 80 13.31 13.06 -5.96
C LYS B 80 13.23 11.57 -5.62
N THR C 7 26.82 4.93 14.16
CA THR C 7 25.91 3.89 14.74
C THR C 7 24.50 4.47 14.82
N MET C 8 24.26 5.59 14.15
CA MET C 8 22.89 6.14 14.12
C MET C 8 22.33 5.97 12.70
N GLY C 9 21.26 5.18 12.55
CA GLY C 9 20.66 4.97 11.23
C GLY C 9 21.13 3.69 10.58
N GLN C 10 21.44 2.66 11.36
CA GLN C 10 22.00 1.39 10.80
C GLN C 10 20.92 0.64 10.01
N VAL C 11 19.77 0.35 10.63
CA VAL C 11 18.68 -0.37 9.92
C VAL C 11 18.35 0.41 8.65
N GLY C 12 18.14 1.71 8.77
CA GLY C 12 17.80 2.43 7.55
C GLY C 12 18.85 2.26 6.47
N ARG C 13 20.13 2.35 6.85
CA ARG C 13 21.21 2.16 5.89
C ARG C 13 21.29 0.70 5.44
N GLN C 14 21.03 -0.23 6.35
CA GLN C 14 20.95 -1.64 5.96
C GLN C 14 19.84 -1.85 4.92
N LEU C 15 18.67 -1.22 5.13
CA LEU C 15 17.59 -1.34 4.16
C LEU C 15 17.97 -0.67 2.85
N ALA C 16 18.68 0.45 2.91
CA ALA C 16 19.16 1.10 1.70
C ALA C 16 20.11 0.20 0.93
N ILE C 17 20.96 -0.56 1.63
CA ILE C 17 21.86 -1.47 0.94
C ILE C 17 21.07 -2.51 0.17
N ILE C 18 20.08 -3.12 0.82
CA ILE C 18 19.26 -4.12 0.15
C ILE C 18 18.60 -3.51 -1.08
N GLY C 19 18.09 -2.29 -0.94
CA GLY C 19 17.46 -1.63 -2.07
C GLY C 19 18.42 -1.41 -3.23
N ASP C 20 19.64 -0.93 -2.92
CA ASP C 20 20.63 -0.75 -3.98
C ASP C 20 20.95 -2.06 -4.66
N ASP C 21 21.10 -3.15 -3.89
CA ASP C 21 21.39 -4.45 -4.48
C ASP C 21 20.25 -4.90 -5.38
N ILE C 22 19.01 -4.73 -4.93
CA ILE C 22 17.84 -5.03 -5.77
C ILE C 22 17.88 -4.20 -7.04
N ASN C 23 18.18 -2.91 -6.91
CA ASN C 23 18.27 -2.02 -8.07
C ASN C 23 19.32 -2.52 -9.07
N ARG C 24 20.45 -3.01 -8.57
CA ARG C 24 21.50 -3.50 -9.47
C ARG C 24 21.11 -4.83 -10.11
N ARG C 25 20.71 -5.82 -9.31
CA ARG C 25 20.44 -7.14 -9.86
C ARG C 25 19.30 -7.12 -10.86
N TYR C 26 18.27 -6.31 -10.61
CA TYR C 26 17.09 -6.25 -11.47
C TYR C 26 17.03 -4.93 -12.22
N ASP C 27 18.20 -4.46 -12.69
CA ASP C 27 18.28 -3.22 -13.45
C ASP C 27 17.36 -3.27 -14.67
N SER C 28 17.46 -4.36 -15.45
CA SER C 28 16.63 -4.49 -16.64
C SER C 28 15.15 -4.46 -16.28
N GLU C 29 14.80 -5.06 -15.13
CA GLU C 29 13.41 -5.09 -14.71
C GLU C 29 12.89 -3.69 -14.42
N PHE C 30 13.65 -2.90 -13.65
CA PHE C 30 13.23 -1.53 -13.36
C PHE C 30 13.18 -0.69 -14.64
N GLN C 31 14.14 -0.91 -15.54
CA GLN C 31 14.11 -0.22 -16.83
C GLN C 31 12.81 -0.48 -17.58
N THR C 32 12.31 -1.72 -17.52
CA THR C 32 11.04 -2.04 -18.17
C THR C 32 9.90 -1.19 -17.61
N MET C 33 9.96 -0.85 -16.32
CA MET C 33 8.96 0.05 -15.74
C MET C 33 8.97 1.42 -16.40
N LEU C 34 10.16 1.99 -16.59
CA LEU C 34 10.29 3.34 -17.19
C LEU C 34 9.79 3.29 -18.64
N GLN C 35 9.91 2.14 -19.31
CA GLN C 35 9.52 2.00 -20.73
C GLN C 35 8.00 2.03 -20.88
N HIS C 36 7.24 1.89 -19.80
CA HIS C 36 5.76 1.85 -19.88
C HIS C 36 5.14 2.99 -19.07
N LEU C 37 5.83 4.13 -18.98
CA LEU C 37 5.26 5.31 -18.31
C LEU C 37 4.11 5.87 -19.15
N GLN C 38 3.13 6.54 -18.53
CA GLN C 38 1.94 7.03 -19.21
C GLN C 38 1.82 8.55 -19.11
N PRO C 39 1.26 9.21 -20.14
CA PRO C 39 1.24 10.67 -20.14
C PRO C 39 0.12 11.31 -19.33
N THR C 40 -0.95 10.59 -19.00
CA THR C 40 -2.08 11.17 -18.30
C THR C 40 -2.56 10.22 -17.20
N ALA C 41 -3.36 10.76 -16.29
CA ALA C 41 -3.90 9.96 -15.20
C ALA C 41 -4.71 8.77 -15.73
N GLU C 42 -5.68 9.02 -16.61
CA GLU C 42 -6.52 7.91 -17.05
C GLU C 42 -5.75 6.93 -17.93
N ASN C 43 -4.76 7.41 -18.69
CA ASN C 43 -3.86 6.48 -19.38
C ASN C 43 -3.09 5.64 -18.38
N ALA C 44 -2.78 6.20 -17.21
CA ALA C 44 -2.09 5.46 -16.18
C ALA C 44 -3.01 4.43 -15.51
N TYR C 45 -4.28 4.81 -15.29
CA TYR C 45 -5.22 3.88 -14.69
C TYR C 45 -5.54 2.72 -15.63
N GLU C 46 -5.68 2.99 -16.93
CA GLU C 46 -5.94 1.92 -17.89
C GLU C 46 -4.77 0.92 -17.89
N TYR C 47 -3.56 1.40 -18.18
CA TYR C 47 -2.43 0.48 -18.28
C TYR C 47 -2.13 -0.18 -16.93
N PHE C 48 -2.27 0.57 -15.84
CA PHE C 48 -2.12 -0.04 -14.53
C PHE C 48 -3.09 -1.20 -14.36
N THR C 49 -4.30 -1.05 -14.91
CA THR C 49 -5.28 -2.11 -14.85
C THR C 49 -4.83 -3.34 -15.64
N LYS C 50 -4.31 -3.12 -16.85
CA LYS C 50 -3.91 -4.25 -17.68
C LYS C 50 -2.71 -4.99 -17.08
N ILE C 51 -1.72 -4.27 -16.55
CA ILE C 51 -0.58 -4.95 -15.97
C ILE C 51 -0.96 -5.66 -14.68
N ALA C 52 -1.81 -5.03 -13.87
CA ALA C 52 -2.26 -5.66 -12.64
C ALA C 52 -3.00 -6.97 -12.93
N THR C 53 -3.95 -6.93 -13.87
CA THR C 53 -4.71 -8.13 -14.20
C THR C 53 -3.81 -9.21 -14.79
N SER C 54 -2.85 -8.81 -15.63
CA SER C 54 -1.92 -9.79 -16.19
C SER C 54 -1.14 -10.47 -15.07
N LEU C 55 -0.58 -9.69 -14.15
CA LEU C 55 0.17 -10.23 -13.03
C LEU C 55 -0.70 -11.11 -12.15
N PHE C 56 -1.92 -10.65 -11.86
CA PHE C 56 -2.81 -11.43 -11.01
C PHE C 56 -3.16 -12.77 -11.66
N GLU C 57 -3.12 -12.84 -12.99
CA GLU C 57 -3.39 -14.11 -13.67
C GLU C 57 -2.30 -15.14 -13.45
N SER C 58 -1.08 -14.69 -13.12
CA SER C 58 0.04 -15.56 -12.82
C SER C 58 0.15 -15.92 -11.35
N GLY C 59 -0.78 -15.49 -10.52
CA GLY C 59 -0.59 -15.73 -9.10
C GLY C 59 0.27 -14.66 -8.45
N ILE C 60 -0.05 -14.35 -7.20
CA ILE C 60 0.61 -13.26 -6.50
C ILE C 60 0.97 -13.71 -5.08
N ASN C 61 1.99 -13.05 -4.54
CA ASN C 61 2.36 -13.12 -3.14
C ASN C 61 2.54 -11.69 -2.67
N TRP C 62 2.88 -11.51 -1.40
CA TRP C 62 3.00 -10.16 -0.87
C TRP C 62 4.00 -9.34 -1.67
N GLY C 63 5.15 -9.92 -2.00
CA GLY C 63 6.16 -9.18 -2.75
C GLY C 63 5.68 -8.75 -4.12
N ARG C 64 4.93 -9.62 -4.80
CA ARG C 64 4.45 -9.27 -6.13
C ARG C 64 3.46 -8.10 -6.09
N VAL C 65 2.64 -8.02 -5.04
CA VAL C 65 1.75 -6.86 -4.91
C VAL C 65 2.55 -5.59 -4.67
N VAL C 66 3.57 -5.66 -3.82
CA VAL C 66 4.39 -4.48 -3.53
C VAL C 66 5.05 -3.97 -4.81
N ALA C 67 5.59 -4.88 -5.63
CA ALA C 67 6.20 -4.48 -6.89
C ALA C 67 5.18 -3.83 -7.82
N LEU C 68 3.96 -4.36 -7.86
CA LEU C 68 2.91 -3.74 -8.66
C LEU C 68 2.61 -2.33 -8.17
N LEU C 69 2.49 -2.16 -6.86
CA LEU C 69 2.25 -0.83 -6.32
C LEU C 69 3.48 0.06 -6.50
N GLY C 70 4.67 -0.54 -6.50
CA GLY C 70 5.85 0.21 -6.87
C GLY C 70 5.75 0.79 -8.27
N PHE C 71 5.39 -0.05 -9.24
CA PHE C 71 5.17 0.44 -10.60
C PHE C 71 4.03 1.45 -10.63
N GLY C 72 2.96 1.18 -9.85
CA GLY C 72 1.87 2.13 -9.77
C GLY C 72 2.32 3.52 -9.35
N TYR C 73 3.18 3.58 -8.33
CA TYR C 73 3.72 4.87 -7.92
C TYR C 73 4.66 5.47 -8.96
N ARG C 74 5.33 4.61 -9.74
CA ARG C 74 6.17 5.10 -10.83
C ARG C 74 5.33 5.84 -11.87
N LEU C 75 4.23 5.21 -12.29
CA LEU C 75 3.25 5.89 -13.14
C LEU C 75 2.73 7.15 -12.47
N ALA C 76 2.28 7.02 -11.21
CA ALA C 76 1.69 8.15 -10.50
C ALA C 76 2.67 9.33 -10.40
N LEU C 77 3.91 9.05 -10.00
CA LEU C 77 4.89 10.13 -9.87
C LEU C 77 5.11 10.83 -11.20
N HIS C 78 5.19 10.06 -12.29
CA HIS C 78 5.40 10.69 -13.59
C HIS C 78 4.25 11.63 -13.94
N VAL C 79 3.01 11.23 -13.67
CA VAL C 79 1.87 12.11 -13.92
C VAL C 79 1.91 13.28 -12.93
N TYR C 80 2.16 12.99 -11.66
CA TYR C 80 2.26 14.03 -10.62
C TYR C 80 3.62 14.73 -10.72
N GLN C 81 3.89 15.30 -11.88
CA GLN C 81 5.14 16.04 -12.08
C GLN C 81 5.26 16.52 -13.52
N HIS C 82 4.76 15.71 -14.45
CA HIS C 82 4.89 16.01 -15.87
C HIS C 82 3.55 15.82 -16.58
N GLY C 83 3.57 15.12 -17.72
CA GLY C 83 2.40 14.90 -18.56
C GLY C 83 1.04 14.95 -17.88
N GLY C 84 0.13 15.75 -18.43
CA GLY C 84 -1.17 15.94 -17.83
C GLY C 84 -1.26 17.10 -16.87
N SER C 85 -0.32 18.04 -16.92
CA SER C 85 -0.28 19.16 -15.98
C SER C 85 -1.60 19.92 -15.97
N ALA D 6 -0.75 -1.39 -23.85
CA ALA D 6 -0.08 -1.57 -25.13
C ALA D 6 0.66 -2.90 -25.20
N SER D 7 0.96 -3.46 -24.02
CA SER D 7 1.79 -4.65 -23.89
C SER D 7 2.25 -4.79 -22.44
N THR D 8 2.09 -5.98 -21.86
CA THR D 8 2.36 -6.13 -20.43
C THR D 8 3.20 -7.34 -20.05
N LYS D 9 3.36 -8.31 -20.95
CA LYS D 9 3.98 -9.58 -20.55
C LYS D 9 5.42 -9.36 -20.06
N LYS D 10 6.21 -8.57 -20.79
CA LYS D 10 7.57 -8.28 -20.34
C LYS D 10 7.56 -7.62 -18.96
N LEU D 11 6.76 -6.56 -18.82
CA LEU D 11 6.66 -5.89 -17.53
C LEU D 11 6.16 -6.84 -16.46
N SER D 12 5.16 -7.66 -16.79
CA SER D 12 4.61 -8.60 -15.81
C SER D 12 5.71 -9.49 -15.25
N GLU D 13 6.50 -10.12 -16.13
CA GLU D 13 7.57 -11.00 -15.65
C GLU D 13 8.61 -10.20 -14.86
N SER D 14 8.90 -8.97 -15.28
CA SER D 14 9.80 -8.13 -14.51
C SER D 14 9.28 -7.90 -13.10
N LEU D 15 7.98 -7.65 -12.97
CA LEU D 15 7.37 -7.46 -11.65
C LEU D 15 7.35 -8.74 -10.85
N LYS D 16 7.18 -9.89 -11.50
CA LYS D 16 7.28 -11.16 -10.79
C LYS D 16 8.67 -11.32 -10.18
N ARG D 17 9.72 -11.01 -10.95
CA ARG D 17 11.09 -11.21 -10.50
C ARG D 17 11.45 -10.26 -9.35
N ILE D 18 11.11 -8.98 -9.50
CA ILE D 18 11.35 -8.04 -8.40
C ILE D 18 10.59 -8.48 -7.16
N GLY D 19 9.28 -8.71 -7.31
CA GLY D 19 8.46 -9.09 -6.17
C GLY D 19 8.92 -10.36 -5.48
N ASP D 20 9.35 -11.37 -6.25
CA ASP D 20 9.77 -12.61 -5.63
C ASP D 20 11.05 -12.40 -4.80
N GLU D 21 11.95 -11.53 -5.27
CA GLU D 21 13.11 -11.20 -4.45
C GLU D 21 12.69 -10.54 -3.15
N LEU D 22 11.74 -9.60 -3.22
CA LEU D 22 11.24 -8.96 -2.01
C LEU D 22 10.59 -9.98 -1.08
N ASP D 23 9.89 -10.95 -1.64
CA ASP D 23 9.14 -11.91 -0.84
C ASP D 23 10.02 -12.98 -0.22
N SER D 24 11.19 -13.27 -0.79
CA SER D 24 12.02 -14.35 -0.28
C SER D 24 13.33 -13.86 0.34
N ASN D 25 13.61 -12.55 0.30
CA ASN D 25 14.88 -12.06 0.84
C ASN D 25 14.90 -12.29 2.34
N MET D 26 15.76 -13.21 2.80
CA MET D 26 15.79 -13.54 4.21
C MET D 26 16.26 -12.37 5.06
N GLU D 27 17.17 -11.55 4.54
CA GLU D 27 17.66 -10.41 5.32
C GLU D 27 16.52 -9.44 5.58
N LEU D 28 15.74 -9.12 4.55
CA LEU D 28 14.59 -8.24 4.71
C LEU D 28 13.58 -8.82 5.70
N GLN D 29 13.35 -10.13 5.64
CA GLN D 29 12.36 -10.74 6.53
C GLN D 29 12.84 -10.70 7.97
N ARG D 30 14.16 -10.87 8.17
CA ARG D 30 14.75 -10.84 9.50
C ARG D 30 14.65 -9.44 10.10
N MET D 31 14.86 -8.41 9.28
CA MET D 31 14.73 -7.04 9.77
C MET D 31 13.29 -6.75 10.18
N ILE D 32 12.32 -7.21 9.37
CA ILE D 32 10.91 -7.00 9.69
C ILE D 32 10.57 -7.72 10.99
N ALA D 33 11.15 -8.91 11.20
CA ALA D 33 10.88 -9.65 12.43
C ALA D 33 11.61 -9.07 13.63
N ALA D 34 12.67 -8.30 13.41
CA ALA D 34 13.40 -7.68 14.52
C ALA D 34 12.73 -6.41 15.03
N VAL D 35 11.75 -5.89 14.30
CA VAL D 35 11.05 -4.67 14.68
C VAL D 35 9.67 -5.04 15.20
N ASP D 36 9.62 -6.06 16.05
CA ASP D 36 8.39 -6.43 16.73
C ASP D 36 8.29 -5.52 17.94
N THR D 37 8.09 -6.11 19.13
CA THR D 37 8.23 -5.37 20.38
C THR D 37 7.42 -4.06 20.39
N ASP D 38 6.21 -4.10 19.80
CA ASP D 38 5.21 -3.06 19.99
C ASP D 38 5.17 -1.92 18.98
N SER D 39 6.32 -1.29 18.67
CA SER D 39 6.32 0.04 18.06
C SER D 39 6.70 0.10 16.58
N PRO D 40 5.82 -0.34 15.66
CA PRO D 40 6.09 -0.11 14.23
C PRO D 40 6.05 1.34 13.78
N ARG D 41 5.31 2.21 14.45
CA ARG D 41 5.21 3.60 13.99
C ARG D 41 6.56 4.31 14.06
N GLU D 42 7.27 4.16 15.18
CA GLU D 42 8.52 4.88 15.35
C GLU D 42 9.65 4.28 14.51
N VAL D 43 9.59 2.97 14.26
CA VAL D 43 10.63 2.33 13.47
C VAL D 43 10.56 2.80 12.02
N PHE D 44 9.36 2.84 11.43
CA PHE D 44 9.21 3.37 10.09
C PHE D 44 9.71 4.82 10.00
N PHE D 45 9.30 5.66 10.95
CA PHE D 45 9.76 7.05 10.95
C PHE D 45 11.27 7.12 10.80
N ARG D 46 11.99 6.26 11.52
CA ARG D 46 13.45 6.31 11.52
C ARG D 46 14.03 5.77 10.22
N VAL D 47 13.58 4.59 9.81
CA VAL D 47 14.13 3.93 8.62
C VAL D 47 13.87 4.76 7.37
N ALA D 48 12.68 5.39 7.29
CA ALA D 48 12.33 6.16 6.10
C ALA D 48 13.33 7.26 5.84
N ALA D 49 13.77 7.95 6.89
CA ALA D 49 14.75 9.03 6.73
C ALA D 49 16.17 8.48 6.65
N ASP D 50 16.51 7.50 7.47
CA ASP D 50 17.87 6.96 7.48
C ASP D 50 18.22 6.32 6.15
N MET D 51 17.22 5.86 5.39
CA MET D 51 17.47 5.19 4.12
C MET D 51 17.97 6.15 3.05
N PHE D 52 17.67 7.44 3.15
CA PHE D 52 18.06 8.41 2.14
C PHE D 52 19.01 9.45 2.70
N SER D 53 19.64 9.16 3.84
CA SER D 53 20.58 10.09 4.47
C SER D 53 21.86 10.26 3.65
N ASP D 54 22.12 9.40 2.67
CA ASP D 54 23.31 9.51 1.85
C ASP D 54 23.08 10.29 0.57
N GLY D 55 21.87 10.81 0.37
CA GLY D 55 21.56 11.62 -0.80
C GLY D 55 21.33 10.85 -2.08
N ASN D 56 21.23 9.52 -2.02
CA ASN D 56 20.99 8.71 -3.20
C ASN D 56 19.54 8.28 -3.28
N PHE D 57 19.10 7.99 -4.51
CA PHE D 57 17.74 7.55 -4.73
C PHE D 57 17.69 6.60 -5.92
N ASN D 58 16.93 5.51 -5.76
CA ASN D 58 16.54 4.64 -6.86
C ASN D 58 15.31 3.87 -6.40
N TRP D 59 14.63 3.25 -7.37
CA TRP D 59 13.39 2.53 -7.08
C TRP D 59 13.64 1.15 -6.48
N GLY D 60 14.89 0.70 -6.40
CA GLY D 60 15.16 -0.45 -5.57
C GLY D 60 14.97 -0.12 -4.10
N ARG D 61 15.42 1.06 -3.68
CA ARG D 61 15.16 1.46 -2.30
C ARG D 61 13.67 1.67 -2.05
N VAL D 62 12.95 2.21 -3.03
CA VAL D 62 11.53 2.51 -2.79
C VAL D 62 10.76 1.22 -2.52
N VAL D 63 10.91 0.22 -3.39
CA VAL D 63 10.15 -1.02 -3.20
C VAL D 63 10.59 -1.75 -1.94
N ALA D 64 11.88 -1.70 -1.60
CA ALA D 64 12.32 -2.26 -0.33
C ALA D 64 11.64 -1.55 0.84
N LEU D 65 11.51 -0.22 0.76
CA LEU D 65 10.81 0.51 1.80
C LEU D 65 9.31 0.22 1.76
N PHE D 66 8.73 0.11 0.55
CA PHE D 66 7.34 -0.33 0.47
C PHE D 66 7.13 -1.65 1.19
N TYR D 67 7.97 -2.64 0.88
CA TYR D 67 7.82 -3.95 1.50
C TYR D 67 7.95 -3.86 3.01
N PHE D 68 9.05 -3.27 3.48
CA PHE D 68 9.30 -3.13 4.91
C PHE D 68 8.13 -2.41 5.61
N ALA D 69 7.68 -1.30 5.03
CA ALA D 69 6.61 -0.51 5.64
C ALA D 69 5.28 -1.26 5.62
N SER D 70 4.98 -1.96 4.53
CA SER D 70 3.72 -2.67 4.44
C SER D 70 3.64 -3.77 5.49
N LYS D 71 4.78 -4.32 5.88
CA LYS D 71 4.77 -5.34 6.92
C LYS D 71 4.66 -4.72 8.31
N LEU D 72 5.16 -3.49 8.49
CA LEU D 72 4.98 -2.82 9.77
C LEU D 72 3.52 -2.43 9.99
N VAL D 73 2.82 -2.06 8.92
CA VAL D 73 1.38 -1.80 9.04
C VAL D 73 0.66 -3.03 9.54
N LEU D 74 1.04 -4.20 9.02
CA LEU D 74 0.44 -5.45 9.48
C LEU D 74 0.66 -5.63 10.97
N LYS D 75 1.90 -5.48 11.43
CA LYS D 75 2.19 -5.62 12.86
C LYS D 75 1.41 -4.59 13.68
N ALA D 76 1.40 -3.33 13.23
CA ALA D 76 0.65 -2.30 13.94
C ALA D 76 -0.81 -2.71 14.09
N LEU D 77 -1.40 -3.24 13.04
CA LEU D 77 -2.79 -3.68 13.13
C LEU D 77 -2.97 -4.84 14.11
N SER D 78 -1.91 -5.61 14.37
CA SER D 78 -2.00 -6.75 15.27
C SER D 78 -2.12 -6.37 16.73
N THR D 79 -1.95 -5.09 17.08
CA THR D 79 -2.16 -4.63 18.44
C THR D 79 -3.57 -4.06 18.63
N LYS D 80 -4.07 -3.32 17.66
CA LYS D 80 -5.42 -2.77 17.72
C LYS D 80 -6.33 -3.45 16.70
O K6G E . -2.53 -13.96 3.82
C10 K6G E . -2.20 -8.47 0.43
C11 K6G E . -3.37 -9.27 0.95
C12 K6G E . -3.37 -10.75 0.59
C13 K6G E . -2.50 -11.63 1.47
C14 K6G E . -3.09 -11.84 2.85
C15 K6G E . -2.30 -12.79 3.70
C16 K6G E . -0.73 -12.87 5.49
C17 K6G E . 0.65 -12.29 5.72
C2 K6G E . 3.22 -0.73 0.11
C3 K6G E . 2.15 -1.64 -0.46
C4 K6G E . 1.62 -2.63 0.56
C5 K6G E . 0.43 -3.47 0.12
C6 K6G E . 0.80 -4.86 -0.37
C7 K6G E . -0.38 -5.82 -0.44
C8 K6G E . -0.81 -6.35 0.92
C9 K6G E . -2.17 -7.03 0.94
O1 K6G E . -1.31 -12.16 4.36
O6 K6G E . 1.10 -12.65 7.02
C1 K6G E . 3.41 0.58 -0.66
C18 K6G E . 2.24 1.53 -0.55
C19 K6G E . 1.63 -12.75 4.67
O2 K6G E . 1.59 -14.19 4.59
P1 K6G E . 2.72 -14.99 3.80
O4 K6G E . 3.11 -14.16 2.64
O5 K6G E . 2.30 -16.39 3.59
O3 K6G E . 3.92 -14.96 4.86
C21 K6G E . 5.14 -14.24 4.59
C22 K6G E . 6.23 -14.97 5.35
N1 K6G E . 5.94 -15.29 6.80
C24 K6G E . 7.20 -15.08 7.58
C25 K6G E . 5.49 -16.71 6.97
C26 K6G E . 4.89 -14.39 7.36
ZN ZN F . -9.36 -13.11 12.65
NA NA G . -23.31 -13.93 5.59
O K6G H . -1.86 8.15 -12.08
C10 K6G H . -2.13 4.37 -7.69
C11 K6G H . -2.37 3.89 -9.17
C12 K6G H . -1.24 4.47 -10.10
C13 K6G H . -1.85 5.41 -11.19
C14 K6G H . -2.63 6.57 -10.54
C15 K6G H . -2.04 7.93 -10.96
C16 K6G H . -1.22 10.10 -10.57
C17 K6G H . -1.90 11.30 -9.92
C2 K6G H . -2.40 2.98 0.93
C3 K6G H . -3.30 3.29 -0.28
C4 K6G H . -2.83 2.47 -1.50
C5 K6G H . -1.45 2.99 -1.98
C6 K6G H . -1.28 2.64 -3.48
C7 K6G H . -2.13 3.61 -4.35
C8 K6G H . -2.57 2.89 -5.66
C9 K6G H . -1.56 3.20 -6.81
O1 K6G H . -1.73 8.92 -10.02
O6 K6G H . -1.05 11.94 -9.04
C1 K6G H . -2.57 1.50 1.30
C18 K6G H . -1.20 1.00 1.76
C19 K6G H . -3.11 10.80 -9.14
O2 K6G H . -4.19 10.72 -10.03
P1 K6G H . -5.62 11.19 -9.38
O4 K6G H . -5.55 10.95 -7.97
O5 K6G H . -6.73 10.36 -9.79
O3 K6G H . -5.88 12.80 -9.69
C21 K6G H . -5.69 13.67 -8.60
C22 K6G H . -6.94 13.54 -7.72
N1 K6G H . -7.89 14.64 -8.03
C24 K6G H . -7.28 15.65 -8.89
C25 K6G H . -8.31 15.26 -6.77
C26 K6G H . -9.05 14.07 -8.69
C1 PEG I . 10.52 10.04 3.37
O1 PEG I . 11.69 9.60 2.73
C2 PEG I . 9.40 9.02 3.15
O2 PEG I . 8.35 9.26 4.04
C3 PEG I . 7.07 9.45 3.50
C4 PEG I . 6.09 8.50 4.20
O4 PEG I . 4.78 8.79 3.79
NA NA J . -23.03 -14.08 -6.22
O K6G K . 14.51 10.25 -1.05
C10 K6G K . 8.83 6.75 0.58
C11 K6G K . 9.83 7.16 -0.50
C12 K6G K . 9.98 8.66 -0.71
C13 K6G K . 11.27 9.26 -0.17
C14 K6G K . 12.17 9.79 -1.27
C15 K6G K . 13.38 10.50 -0.73
C16 K6G K . 14.10 12.26 0.70
C17 K6G K . 14.65 13.16 -0.39
C2 K6G K . 1.15 4.31 4.78
C3 K6G K . 2.58 3.91 5.09
C4 K6G K . 3.33 3.23 3.94
C5 K6G K . 3.93 4.20 2.93
C6 K6G K . 5.37 3.88 2.55
C7 K6G K . 6.02 4.88 1.60
C8 K6G K . 7.52 4.69 1.44
C9 K6G K . 8.14 5.43 0.25
O1 K6G K . 13.05 11.46 0.13
O6 K6G K . 14.81 14.49 0.12
C1 K6G K . 0.09 3.34 5.29
C18 K6G K . -0.58 3.81 6.57
C19 K6G K . 15.95 12.66 -0.98
O2 K6G K . 16.87 13.74 -1.17
P1 K6G K . 18.42 13.44 -1.43
O4 K6G K . 19.20 14.48 -0.73
O5 K6G K . 18.71 12.01 -1.15
O3 K6G K . 18.61 13.71 -3.00
C21 K6G K . 17.89 12.98 -4.01
C22 K6G K . 18.97 12.32 -4.83
N1 K6G K . 18.70 12.23 -6.33
C24 K6G K . 18.75 13.60 -6.93
C25 K6G K . 17.36 11.62 -6.61
C26 K6G K . 19.77 11.38 -6.96
C1 PEG L . -2.98 1.01 11.36
O1 PEG L . -2.27 1.71 10.38
C2 PEG L . -2.71 1.60 12.74
O2 PEG L . -3.37 0.84 13.72
C3 PEG L . -3.74 1.53 14.89
C4 PEG L . -2.52 1.71 15.79
O4 PEG L . -2.11 3.05 15.79
C1 EDO M . 2.13 2.63 10.54
O1 EDO M . 1.59 2.63 11.86
C2 EDO M . 3.63 2.31 10.61
O2 EDO M . 4.11 1.98 9.29
C1 EDO N . 14.14 12.39 4.29
O1 EDO N . 13.28 11.47 3.60
C2 EDO N . 15.61 12.09 4.01
O2 EDO N . 16.10 12.92 2.96
CL CL O . 3.58 -11.42 7.37
#